data_3FDM
#
_entry.id   3FDM
#
_cell.length_a   73.161
_cell.length_b   92.281
_cell.length_c   165.668
_cell.angle_alpha   90.00
_cell.angle_beta   90.00
_cell.angle_gamma   90.00
#
_symmetry.space_group_name_H-M   'C 2 2 21'
#
loop_
_entity.id
_entity.type
_entity.pdbx_description
1 polymer 'Apoptosis regulator Bcl-X'
2 polymer 'alpha/beta-peptide foldamer'
3 non-polymer 1,2-ETHANEDIOL
4 water water
#
loop_
_entity_poly.entity_id
_entity_poly.type
_entity_poly.pdbx_seq_one_letter_code
_entity_poly.pdbx_strand_id
1 'polypeptide(L)'
;GPLGSMSQSNRELVVDFLSYKLSQKGYSWSQMAAVKQALREAGDEFELRYRRAFSDLTSQLHITPGTAYQSFEQVVNELF
RDGVNWGRIVAFFSFGGALCVESVDKEMQVLVSRIAAWMATYLNDHLEPWIQENGGWDTFVELYGNNAAAESRKGQER
;
A,B,C
2 'polypeptide(L)' (ACE)(XPC)A(XCP)R(XCP)L(XCP)K(B3L)GDAFNR(NH2) D,E,F
#
# COMPACT_ATOMS: atom_id res chain seq x y z
N GLY A 1 -18.83 -20.84 1.87
CA GLY A 1 -20.31 -20.94 1.94
C GLY A 1 -20.81 -21.69 0.72
N PRO A 2 -22.12 -21.98 0.68
CA PRO A 2 -22.70 -22.71 -0.45
C PRO A 2 -22.45 -21.94 -1.77
N LEU A 3 -22.43 -22.65 -2.88
CA LEU A 3 -22.26 -22.08 -4.23
C LEU A 3 -23.47 -21.32 -4.76
N GLY A 4 -23.22 -20.12 -5.25
CA GLY A 4 -24.26 -19.27 -5.83
C GLY A 4 -24.41 -19.72 -7.26
N SER A 5 -25.21 -19.00 -8.05
CA SER A 5 -25.42 -19.28 -9.48
CA SER A 5 -25.37 -19.39 -9.45
C SER A 5 -24.21 -18.86 -10.30
N MET A 6 -23.96 -19.51 -11.42
CA MET A 6 -22.93 -19.03 -12.32
C MET A 6 -23.24 -17.59 -12.77
N SER A 7 -24.51 -17.28 -13.01
CA SER A 7 -24.85 -15.98 -13.54
C SER A 7 -24.66 -14.84 -12.56
N GLN A 8 -24.91 -15.08 -11.27
CA GLN A 8 -24.68 -14.03 -10.27
C GLN A 8 -23.22 -13.60 -10.31
N SER A 9 -22.31 -14.55 -10.24
CA SER A 9 -20.91 -14.19 -10.31
C SER A 9 -20.36 -13.70 -11.67
N ASN A 10 -20.98 -14.05 -12.80
CA ASN A 10 -20.63 -13.43 -14.09
C ASN A 10 -21.07 -11.97 -14.13
N ARG A 11 -22.26 -11.67 -13.58
CA ARG A 11 -22.72 -10.30 -13.44
C ARG A 11 -21.72 -9.49 -12.63
N GLU A 12 -21.38 -10.01 -11.47
CA GLU A 12 -20.50 -9.28 -10.56
C GLU A 12 -19.15 -8.91 -11.26
N LEU A 13 -18.58 -9.86 -12.01
CA LEU A 13 -17.36 -9.55 -12.80
C LEU A 13 -17.58 -8.45 -13.86
N VAL A 14 -18.64 -8.58 -14.65
CA VAL A 14 -18.97 -7.56 -15.64
C VAL A 14 -19.09 -6.17 -15.03
N VAL A 15 -19.85 -6.06 -13.94
CA VAL A 15 -20.03 -4.79 -13.24
C VAL A 15 -18.68 -4.22 -12.72
N ASP A 16 -17.82 -5.10 -12.19
CA ASP A 16 -16.52 -4.66 -11.70
C ASP A 16 -15.74 -4.05 -12.84
N PHE A 17 -15.74 -4.74 -13.98
CA PHE A 17 -14.94 -4.26 -15.10
C PHE A 17 -15.48 -2.91 -15.62
N LEU A 18 -16.79 -2.86 -15.85
CA LEU A 18 -17.45 -1.65 -16.30
C LEU A 18 -17.37 -0.51 -15.30
N SER A 19 -17.53 -0.78 -14.00
CA SER A 19 -17.26 0.27 -12.99
C SER A 19 -15.87 0.87 -13.15
N TYR A 20 -14.86 0.02 -13.26
CA TYR A 20 -13.49 0.50 -13.45
C TYR A 20 -13.38 1.38 -14.71
N LYS A 21 -13.86 0.89 -15.85
CA LYS A 21 -13.71 1.69 -17.08
C LYS A 21 -14.45 2.99 -16.99
N LEU A 22 -15.65 2.98 -16.44
CA LEU A 22 -16.38 4.26 -16.24
C LEU A 22 -15.65 5.27 -15.38
N SER A 23 -15.03 4.83 -14.28
CA SER A 23 -14.33 5.77 -13.36
C SER A 23 -13.07 6.36 -13.99
N GLN A 24 -12.45 5.64 -14.92
CA GLN A 24 -11.32 6.14 -15.64
C GLN A 24 -11.64 7.37 -16.46
N LYS A 25 -12.94 7.60 -16.69
CA LYS A 25 -13.41 8.72 -17.52
C LYS A 25 -14.18 9.77 -16.71
N GLY A 26 -14.12 9.67 -15.38
CA GLY A 26 -14.82 10.60 -14.51
C GLY A 26 -16.28 10.25 -14.28
N TYR A 27 -16.69 9.06 -14.71
CA TYR A 27 -18.05 8.64 -14.48
C TYR A 27 -18.09 7.64 -13.32
N SER A 28 -19.28 7.30 -12.84
CA SER A 28 -19.36 6.19 -11.89
C SER A 28 -20.60 5.33 -12.05
N TRP A 29 -20.39 4.05 -11.78
CA TRP A 29 -21.44 3.07 -11.70
C TRP A 29 -22.41 3.48 -10.56
N SER A 30 -21.87 3.89 -9.41
CA SER A 30 -22.70 4.14 -8.24
C SER A 30 -21.87 4.85 -7.19
N GLN A 31 -22.53 5.42 -6.17
CA GLN A 31 -21.80 6.00 -5.03
C GLN A 31 -20.86 4.99 -4.41
N MET A 32 -21.12 3.76 -4.21
CA MET A 32 -20.27 2.66 -3.78
C MET A 32 -19.04 2.49 -4.64
N ALA A 33 -19.24 2.51 -5.95
CA ALA A 33 -18.09 2.32 -6.85
C ALA A 33 -17.11 3.47 -6.72
N ALA A 34 -17.66 4.68 -6.60
CA ALA A 34 -16.88 5.93 -6.47
C ALA A 34 -16.09 5.90 -5.16
N VAL A 35 -16.71 5.37 -4.12
CA VAL A 35 -16.04 5.26 -2.80
C VAL A 35 -14.94 4.22 -2.80
N LYS A 36 -15.24 3.03 -3.31
CA LYS A 36 -14.22 2.01 -3.46
C LYS A 36 -12.97 2.54 -4.18
N GLN A 37 -13.18 3.29 -5.26
CA GLN A 37 -12.05 3.71 -6.10
C GLN A 37 -11.23 4.82 -5.41
N ALA A 38 -11.93 5.73 -4.74
CA ALA A 38 -11.31 6.84 -4.05
C ALA A 38 -10.54 6.30 -2.90
N LEU A 39 -11.08 5.26 -2.26
CA LEU A 39 -10.42 4.63 -1.13
C LEU A 39 -9.15 3.84 -1.56
N ARG A 40 -9.23 3.12 -2.67
CA ARG A 40 -8.03 2.47 -3.15
C ARG A 40 -6.92 3.49 -3.50
N GLU A 41 -7.29 4.57 -4.19
CA GLU A 41 -6.35 5.65 -4.53
C GLU A 41 -5.74 6.23 -3.24
N ALA A 42 -6.61 6.58 -2.31
CA ALA A 42 -6.23 7.10 -1.01
C ALA A 42 -5.21 6.19 -0.30
N GLY A 43 -5.50 4.90 -0.16
CA GLY A 43 -4.59 3.97 0.52
C GLY A 43 -3.24 3.85 -0.16
N ASP A 44 -3.22 3.82 -1.50
CA ASP A 44 -1.98 3.84 -2.30
C ASP A 44 -1.11 5.07 -1.99
N GLU A 45 -1.73 6.25 -2.01
CA GLU A 45 -1.02 7.45 -1.71
C GLU A 45 -0.53 7.56 -0.24
N PHE A 46 -1.39 7.19 0.73
CA PHE A 46 -1.03 7.07 2.15
C PHE A 46 0.18 6.13 2.37
N GLU A 47 0.15 4.98 1.74
CA GLU A 47 1.23 4.02 1.80
C GLU A 47 2.47 4.55 1.06
N LEU A 48 2.31 5.15 -0.11
CA LEU A 48 3.45 5.74 -0.80
C LEU A 48 4.09 6.80 0.11
N ARG A 49 3.28 7.71 0.63
CA ARG A 49 3.75 8.76 1.54
C ARG A 49 4.44 8.22 2.82
N TYR A 50 3.79 7.32 3.57
CA TYR A 50 4.13 7.24 4.98
C TYR A 50 4.51 5.88 5.49
N ARG A 51 4.54 4.87 4.63
CA ARG A 51 4.86 3.52 5.08
C ARG A 51 6.28 3.43 5.64
N ARG A 52 7.20 4.19 5.06
CA ARG A 52 8.56 4.24 5.59
C ARG A 52 8.64 4.61 7.09
N ALA A 53 7.68 5.38 7.60
CA ALA A 53 7.64 5.73 9.01
C ALA A 53 7.06 4.66 9.97
N PHE A 54 6.25 3.72 9.47
CA PHE A 54 5.72 2.65 10.34
C PHE A 54 5.80 1.31 9.64
N SER A 55 6.89 1.06 8.93
CA SER A 55 6.97 -0.11 8.05
C SER A 55 7.06 -1.43 8.80
N ASP A 56 7.40 -1.38 10.09
CA ASP A 56 7.50 -2.61 10.84
C ASP A 56 6.38 -2.77 11.87
N LEU A 57 5.32 -1.98 11.71
CA LEU A 57 4.15 -2.07 12.57
C LEU A 57 3.57 -3.49 12.67
N THR A 58 3.24 -4.12 11.54
CA THR A 58 2.50 -5.40 11.65
C THR A 58 3.43 -6.52 12.18
N SER A 59 4.71 -6.35 11.89
CA SER A 59 5.76 -7.26 12.31
C SER A 59 6.00 -7.24 13.81
N GLN A 60 5.98 -6.06 14.41
CA GLN A 60 6.20 -5.96 15.85
C GLN A 60 5.02 -6.53 16.62
N LEU A 61 3.91 -6.75 15.93
CA LEU A 61 2.71 -7.29 16.59
C LEU A 61 2.87 -8.77 16.84
N HIS A 62 3.75 -9.43 16.09
CA HIS A 62 4.02 -10.86 16.24
C HIS A 62 2.73 -11.69 16.14
N ILE A 63 2.00 -11.49 15.06
CA ILE A 63 0.65 -11.99 14.99
C ILE A 63 0.60 -13.52 15.01
N THR A 64 -0.40 -14.06 15.69
CA THR A 64 -0.67 -15.50 15.74
C THR A 64 -2.18 -15.56 15.85
N PRO A 65 -2.80 -16.69 15.47
CA PRO A 65 -4.26 -16.82 15.59
C PRO A 65 -4.78 -16.42 16.98
N GLY A 66 -4.04 -16.82 18.02
CA GLY A 66 -4.50 -16.58 19.37
C GLY A 66 -4.36 -15.13 19.86
N THR A 67 -3.47 -14.35 19.25
CA THR A 67 -3.24 -12.98 19.69
C THR A 67 -3.77 -11.93 18.69
N ALA A 68 -4.15 -12.38 17.50
CA ALA A 68 -4.57 -11.47 16.40
C ALA A 68 -5.66 -10.51 16.79
N TYR A 69 -6.72 -11.01 17.41
CA TYR A 69 -7.84 -10.16 17.75
C TYR A 69 -7.38 -9.00 18.69
N GLN A 70 -6.64 -9.37 19.73
CA GLN A 70 -6.20 -8.40 20.73
C GLN A 70 -5.27 -7.35 20.13
N SER A 71 -4.38 -7.79 19.24
CA SER A 71 -3.50 -6.88 18.52
C SER A 71 -4.30 -5.92 17.61
N PHE A 72 -5.27 -6.47 16.86
CA PHE A 72 -6.14 -5.61 16.01
C PHE A 72 -6.89 -4.59 16.82
N GLU A 73 -7.49 -5.04 17.90
CA GLU A 73 -8.25 -4.17 18.76
C GLU A 73 -7.38 -3.07 19.38
N GLN A 74 -6.17 -3.44 19.83
CA GLN A 74 -5.26 -2.45 20.41
C GLN A 74 -4.90 -1.34 19.43
N VAL A 75 -4.44 -1.71 18.23
CA VAL A 75 -4.09 -0.71 17.22
C VAL A 75 -5.30 0.15 16.86
N VAL A 76 -6.42 -0.50 16.62
CA VAL A 76 -7.56 0.25 16.14
C VAL A 76 -8.10 1.18 17.23
N ASN A 77 -8.15 0.69 18.47
CA ASN A 77 -8.58 1.53 19.59
C ASN A 77 -7.70 2.76 19.79
N GLU A 78 -6.39 2.56 19.70
CA GLU A 78 -5.39 3.66 19.80
C GLU A 78 -5.47 4.65 18.66
N LEU A 79 -5.68 4.11 17.47
CA LEU A 79 -5.78 4.89 16.24
C LEU A 79 -6.88 5.92 16.38
N PHE A 80 -8.01 5.52 16.99
CA PHE A 80 -9.11 6.47 17.16
C PHE A 80 -9.34 6.97 18.60
N ARG A 81 -8.44 6.68 19.54
CA ARG A 81 -8.69 7.12 20.94
C ARG A 81 -8.88 8.61 21.05
N ASP A 82 -8.08 9.41 20.37
CA ASP A 82 -8.28 10.86 20.46
C ASP A 82 -9.15 11.45 19.33
N GLY A 83 -9.94 10.65 18.65
CA GLY A 83 -10.84 11.20 17.65
C GLY A 83 -10.73 10.49 16.32
N VAL A 84 -11.70 10.80 15.45
CA VAL A 84 -11.81 10.31 14.09
C VAL A 84 -11.61 11.47 13.11
N ASN A 85 -10.86 11.22 12.05
CA ASN A 85 -10.93 12.09 10.87
C ASN A 85 -10.71 11.18 9.67
N TRP A 86 -10.93 11.75 8.48
CA TRP A 86 -10.82 11.08 7.20
C TRP A 86 -9.46 10.45 6.93
N GLY A 87 -8.39 11.12 7.36
CA GLY A 87 -7.06 10.55 7.16
C GLY A 87 -6.84 9.33 8.05
N ARG A 88 -7.36 9.37 9.27
CA ARG A 88 -7.24 8.20 10.14
C ARG A 88 -8.11 7.04 9.67
N ILE A 89 -9.26 7.34 9.10
CA ILE A 89 -10.08 6.30 8.49
C ILE A 89 -9.31 5.58 7.36
N VAL A 90 -8.61 6.34 6.51
CA VAL A 90 -7.77 5.76 5.48
C VAL A 90 -6.67 4.90 6.07
N ALA A 91 -6.09 5.37 7.16
CA ALA A 91 -5.06 4.57 7.85
C ALA A 91 -5.62 3.29 8.43
N PHE A 92 -6.85 3.34 8.92
CA PHE A 92 -7.56 2.13 9.44
C PHE A 92 -7.63 1.05 8.34
N PHE A 93 -8.08 1.47 7.17
CA PHE A 93 -8.06 0.57 6.01
C PHE A 93 -6.65 0.10 5.63
N SER A 94 -5.63 0.99 5.53
CA SER A 94 -4.28 0.53 5.15
C SER A 94 -3.77 -0.47 6.12
N PHE A 95 -4.01 -0.23 7.40
CA PHE A 95 -3.58 -1.13 8.46
C PHE A 95 -4.19 -2.52 8.35
N GLY A 96 -5.51 -2.58 8.20
CA GLY A 96 -6.19 -3.88 7.97
C GLY A 96 -5.59 -4.59 6.76
N GLY A 97 -5.38 -3.89 5.63
CA GLY A 97 -4.76 -4.56 4.49
C GLY A 97 -3.35 -5.08 4.76
N ALA A 98 -2.55 -4.31 5.51
CA ALA A 98 -1.19 -4.74 5.89
C ALA A 98 -1.23 -5.93 6.82
N LEU A 99 -2.18 -5.91 7.75
CA LEU A 99 -2.36 -7.02 8.68
C LEU A 99 -2.82 -8.31 7.97
N CYS A 100 -3.63 -8.19 6.94
CA CYS A 100 -3.97 -9.33 6.10
C CYS A 100 -2.73 -9.82 5.32
N VAL A 101 -1.96 -8.90 4.73
CA VAL A 101 -0.76 -9.31 3.98
C VAL A 101 0.21 -10.02 4.92
N GLU A 102 0.49 -9.40 6.07
CA GLU A 102 1.28 -10.04 7.12
C GLU A 102 0.78 -11.43 7.47
N SER A 103 -0.55 -11.59 7.62
CA SER A 103 -1.13 -12.91 7.97
C SER A 103 -0.85 -13.96 6.89
N VAL A 104 -0.92 -13.58 5.62
CA VAL A 104 -0.61 -14.50 4.56
C VAL A 104 0.91 -14.78 4.52
N ASP A 105 1.75 -13.76 4.75
CA ASP A 105 3.22 -14.00 4.77
C ASP A 105 3.55 -15.06 5.78
N LYS A 106 2.87 -15.05 6.92
CA LYS A 106 3.18 -15.96 8.01
C LYS A 106 2.42 -17.27 7.89
N GLU A 107 1.86 -17.53 6.71
CA GLU A 107 1.04 -18.72 6.48
C GLU A 107 -0.10 -18.83 7.48
N MET A 108 -0.77 -17.71 7.74
CA MET A 108 -1.93 -17.69 8.61
C MET A 108 -3.12 -17.08 7.87
N GLN A 109 -3.41 -17.57 6.67
CA GLN A 109 -4.51 -16.93 5.96
C GLN A 109 -5.91 -17.11 6.54
N VAL A 110 -6.12 -18.06 7.47
CA VAL A 110 -7.42 -18.09 8.14
C VAL A 110 -7.75 -16.72 8.80
N LEU A 111 -6.74 -15.89 9.06
CA LEU A 111 -6.96 -14.60 9.75
C LEU A 111 -7.57 -13.54 8.82
N VAL A 112 -7.39 -13.69 7.51
CA VAL A 112 -7.82 -12.66 6.56
C VAL A 112 -9.31 -12.37 6.66
N SER A 113 -10.15 -13.40 6.60
CA SER A 113 -11.63 -13.19 6.76
C SER A 113 -12.01 -12.69 8.14
N ARG A 114 -11.30 -13.15 9.16
CA ARG A 114 -11.44 -12.61 10.53
C ARG A 114 -11.18 -11.10 10.65
N ILE A 115 -10.05 -10.62 10.13
CA ILE A 115 -9.73 -9.20 10.06
C ILE A 115 -10.81 -8.43 9.31
N ALA A 116 -11.29 -9.01 8.22
CA ALA A 116 -12.35 -8.41 7.41
C ALA A 116 -13.62 -8.23 8.21
N ALA A 117 -14.05 -9.27 8.93
CA ALA A 117 -15.24 -9.14 9.82
C ALA A 117 -15.01 -8.11 10.95
N TRP A 118 -13.84 -8.14 11.60
CA TRP A 118 -13.58 -7.17 12.66
C TRP A 118 -13.60 -5.74 12.16
N MET A 119 -13.00 -5.52 10.99
CA MET A 119 -13.06 -4.19 10.33
C MET A 119 -14.48 -3.76 9.96
N ALA A 120 -15.25 -4.68 9.40
CA ALA A 120 -16.62 -4.35 8.96
C ALA A 120 -17.49 -3.93 10.12
N THR A 121 -17.41 -4.70 11.19
CA THR A 121 -18.13 -4.38 12.44
C THR A 121 -17.71 -3.04 13.06
N TYR A 122 -16.40 -2.76 13.08
CA TYR A 122 -15.89 -1.48 13.59
C TYR A 122 -16.37 -0.29 12.74
N LEU A 123 -16.30 -0.45 11.42
CA LEU A 123 -16.84 0.56 10.46
C LEU A 123 -18.28 0.80 10.76
N ASN A 124 -19.01 -0.29 10.90
CA ASN A 124 -20.43 -0.20 11.18
C ASN A 124 -20.79 0.54 12.46
N ASP A 125 -20.17 0.14 13.57
CA ASP A 125 -20.52 0.68 14.89
C ASP A 125 -19.80 1.97 15.28
N HIS A 126 -18.58 2.21 14.78
CA HIS A 126 -17.78 3.33 15.28
C HIS A 126 -17.28 4.33 14.27
N LEU A 127 -17.44 4.08 12.97
CA LEU A 127 -16.90 4.99 11.99
C LEU A 127 -18.00 5.61 11.13
N GLU A 128 -18.91 4.79 10.63
CA GLU A 128 -19.97 5.30 9.76
C GLU A 128 -20.80 6.39 10.47
N PRO A 129 -21.10 6.22 11.76
CA PRO A 129 -21.84 7.31 12.42
C PRO A 129 -21.09 8.67 12.43
N TRP A 130 -19.79 8.67 12.68
CA TRP A 130 -19.01 9.90 12.39
C TRP A 130 -19.11 10.32 10.91
N ILE A 131 -19.02 9.35 10.00
CA ILE A 131 -19.06 9.67 8.55
C ILE A 131 -20.36 10.37 8.14
N GLN A 132 -21.47 9.83 8.64
N GLN A 132 -21.49 9.84 8.63
CA GLN A 132 -22.80 10.41 8.41
CA GLN A 132 -22.79 10.43 8.30
C GLN A 132 -22.86 11.88 8.79
C GLN A 132 -23.02 11.83 8.89
N GLU A 133 -22.23 12.24 9.89
CA GLU A 133 -22.35 13.61 10.42
C GLU A 133 -21.28 14.59 9.94
N ASN A 134 -20.35 14.10 9.13
CA ASN A 134 -19.27 14.91 8.64
C ASN A 134 -19.29 14.94 7.11
N GLY A 135 -20.48 14.94 6.52
CA GLY A 135 -20.63 15.07 5.07
C GLY A 135 -20.96 13.79 4.31
N GLY A 136 -20.86 12.64 4.98
CA GLY A 136 -21.14 11.38 4.37
C GLY A 136 -20.11 10.92 3.37
N TRP A 137 -20.45 9.84 2.67
CA TRP A 137 -19.53 9.19 1.77
C TRP A 137 -19.18 10.10 0.60
N ASP A 138 -20.14 10.89 0.17
CA ASP A 138 -19.93 11.91 -0.88
C ASP A 138 -18.79 12.87 -0.52
N THR A 139 -18.69 13.28 0.75
CA THR A 139 -17.58 14.14 1.18
C THR A 139 -16.23 13.43 1.09
N PHE A 140 -16.15 12.20 1.52
CA PHE A 140 -14.93 11.44 1.28
C PHE A 140 -14.53 11.39 -0.22
N VAL A 141 -15.48 11.07 -1.09
CA VAL A 141 -15.23 11.05 -2.54
C VAL A 141 -14.80 12.45 -3.04
N GLU A 142 -15.52 13.48 -2.63
CA GLU A 142 -15.08 14.86 -2.89
C GLU A 142 -13.67 15.15 -2.42
N LEU A 143 -13.26 14.69 -1.25
CA LEU A 143 -11.90 14.96 -0.75
C LEU A 143 -10.79 14.09 -1.31
N TYR A 144 -11.10 12.81 -1.60
CA TYR A 144 -10.03 11.87 -1.96
C TYR A 144 -10.13 11.31 -3.39
N GLY A 145 -11.27 11.55 -4.04
CA GLY A 145 -11.52 11.01 -5.37
C GLY A 145 -10.69 11.69 -6.42
N ASN A 146 -10.51 10.98 -7.55
CA ASN A 146 -9.75 11.44 -8.71
C ASN A 146 -8.38 11.97 -8.36
N ASN A 147 -7.65 11.30 -7.48
CA ASN A 147 -6.41 11.91 -6.96
C ASN A 147 -5.23 10.97 -7.22
N GLY B 1 -33.73 -0.67 -7.09
CA GLY B 1 -34.52 -1.68 -6.30
C GLY B 1 -34.55 -1.18 -4.87
N PRO B 2 -35.08 -2.01 -3.95
CA PRO B 2 -35.16 -1.72 -2.51
C PRO B 2 -33.79 -1.57 -1.86
N LEU B 3 -33.69 -0.77 -0.81
CA LEU B 3 -32.46 -0.59 -0.07
C LEU B 3 -32.05 -1.77 0.81
N GLY B 4 -30.75 -2.07 0.87
CA GLY B 4 -30.23 -3.10 1.74
C GLY B 4 -29.80 -2.49 3.08
N SER B 5 -28.97 -3.20 3.84
CA SER B 5 -28.67 -2.77 5.19
C SER B 5 -27.35 -2.04 5.16
N MET B 6 -27.18 -1.09 6.07
CA MET B 6 -25.90 -0.31 6.12
C MET B 6 -24.77 -1.26 6.36
N SER B 7 -25.08 -2.34 7.06
CA SER B 7 -24.09 -3.34 7.43
C SER B 7 -23.52 -4.14 6.27
N GLN B 8 -24.37 -4.52 5.30
CA GLN B 8 -23.90 -5.24 4.12
C GLN B 8 -22.98 -4.34 3.25
N SER B 9 -23.36 -3.09 3.04
CA SER B 9 -22.52 -2.22 2.20
C SER B 9 -21.20 -1.81 2.90
N ASN B 10 -21.17 -1.75 4.24
CA ASN B 10 -19.87 -1.62 4.92
C ASN B 10 -18.95 -2.83 4.72
N ARG B 11 -19.49 -4.04 4.82
CA ARG B 11 -18.67 -5.23 4.56
C ARG B 11 -18.07 -5.16 3.16
N GLU B 12 -18.89 -4.77 2.18
CA GLU B 12 -18.50 -4.81 0.77
C GLU B 12 -17.34 -3.85 0.51
N LEU B 13 -17.38 -2.67 1.14
CA LEU B 13 -16.26 -1.73 1.03
C LEU B 13 -15.02 -2.36 1.62
N VAL B 14 -15.16 -2.99 2.77
CA VAL B 14 -14.01 -3.53 3.45
C VAL B 14 -13.42 -4.64 2.57
N VAL B 15 -14.26 -5.55 2.07
CA VAL B 15 -13.69 -6.64 1.28
C VAL B 15 -13.01 -6.11 0.00
N ASP B 16 -13.59 -5.03 -0.55
CA ASP B 16 -13.00 -4.42 -1.74
C ASP B 16 -11.60 -3.89 -1.46
N PHE B 17 -11.40 -3.15 -0.38
CA PHE B 17 -10.07 -2.60 -0.08
C PHE B 17 -9.04 -3.72 0.18
N LEU B 18 -9.39 -4.68 1.02
CA LEU B 18 -8.47 -5.75 1.37
C LEU B 18 -8.09 -6.55 0.12
N SER B 19 -9.06 -6.83 -0.76
CA SER B 19 -8.83 -7.52 -2.06
C SER B 19 -7.69 -6.89 -2.82
N TYR B 20 -7.80 -5.58 -2.97
CA TYR B 20 -6.85 -4.79 -3.73
C TYR B 20 -5.44 -4.89 -3.14
N LYS B 21 -5.34 -4.63 -1.83
CA LYS B 21 -4.09 -4.67 -1.07
C LYS B 21 -3.44 -6.06 -1.07
N LEU B 22 -4.24 -7.09 -0.91
CA LEU B 22 -3.73 -8.46 -1.09
C LEU B 22 -3.17 -8.68 -2.49
N SER B 23 -3.92 -8.29 -3.52
CA SER B 23 -3.49 -8.56 -4.90
C SER B 23 -2.20 -7.80 -5.23
N GLN B 24 -1.96 -6.65 -4.60
CA GLN B 24 -0.72 -5.91 -4.83
C GLN B 24 0.54 -6.65 -4.39
N LYS B 25 0.34 -7.64 -3.52
CA LYS B 25 1.44 -8.44 -3.00
C LYS B 25 1.43 -9.80 -3.63
N GLY B 26 0.60 -10.00 -4.65
CA GLY B 26 0.56 -11.30 -5.30
C GLY B 26 -0.29 -12.31 -4.56
N TYR B 27 -1.14 -11.84 -3.65
CA TYR B 27 -2.07 -12.70 -2.93
C TYR B 27 -3.49 -12.41 -3.45
N SER B 28 -4.46 -13.24 -3.13
CA SER B 28 -5.82 -12.92 -3.51
C SER B 28 -6.81 -13.24 -2.40
N TRP B 29 -7.78 -12.33 -2.27
CA TRP B 29 -8.90 -12.54 -1.38
C TRP B 29 -9.70 -13.78 -1.86
N SER B 30 -9.79 -13.95 -3.17
CA SER B 30 -10.58 -15.06 -3.73
C SER B 30 -10.21 -15.19 -5.19
N GLN B 31 -10.71 -16.25 -5.83
CA GLN B 31 -10.51 -16.44 -7.28
C GLN B 31 -11.16 -15.32 -8.05
N MET B 32 -12.40 -14.88 -7.67
CA MET B 32 -13.07 -13.70 -8.20
C MET B 32 -12.26 -12.40 -8.09
N ALA B 33 -11.67 -12.12 -6.93
CA ALA B 33 -10.86 -10.90 -6.81
C ALA B 33 -9.63 -10.91 -7.75
N ALA B 34 -8.97 -12.06 -7.83
CA ALA B 34 -7.83 -12.31 -8.73
C ALA B 34 -8.18 -12.16 -10.21
N VAL B 35 -9.37 -12.67 -10.57
CA VAL B 35 -9.86 -12.51 -11.94
C VAL B 35 -10.18 -11.06 -12.22
N LYS B 36 -10.92 -10.42 -11.31
CA LYS B 36 -11.24 -9.01 -11.46
C LYS B 36 -9.99 -8.16 -11.72
N GLN B 37 -8.99 -8.39 -10.91
CA GLN B 37 -7.77 -7.62 -10.98
C GLN B 37 -6.99 -7.83 -12.29
N ALA B 38 -6.85 -9.09 -12.68
CA ALA B 38 -6.11 -9.48 -13.89
C ALA B 38 -6.82 -8.91 -15.10
N LEU B 39 -8.15 -8.96 -15.07
CA LEU B 39 -8.95 -8.40 -16.18
C LEU B 39 -8.90 -6.87 -16.24
N ARG B 40 -8.97 -6.16 -15.10
CA ARG B 40 -8.75 -4.71 -15.13
C ARG B 40 -7.43 -4.38 -15.83
N GLU B 41 -6.36 -5.10 -15.44
CA GLU B 41 -5.01 -4.87 -15.97
C GLU B 41 -4.91 -5.29 -17.41
N ALA B 42 -5.50 -6.43 -17.75
CA ALA B 42 -5.51 -6.88 -19.16
C ALA B 42 -6.19 -5.81 -20.01
N GLY B 43 -7.35 -5.33 -19.55
CA GLY B 43 -8.10 -4.29 -20.28
C GLY B 43 -7.36 -2.97 -20.46
N ASP B 44 -6.78 -2.44 -19.39
CA ASP B 44 -5.98 -1.19 -19.53
C ASP B 44 -4.92 -1.39 -20.62
N GLU B 45 -4.20 -2.51 -20.53
CA GLU B 45 -3.17 -2.84 -21.45
C GLU B 45 -3.64 -3.02 -22.90
N PHE B 46 -4.68 -3.84 -23.11
CA PHE B 46 -5.28 -4.01 -24.43
C PHE B 46 -5.68 -2.66 -25.06
N GLU B 47 -6.34 -1.81 -24.26
CA GLU B 47 -6.79 -0.50 -24.72
C GLU B 47 -5.63 0.45 -25.05
N LEU B 48 -4.55 0.37 -24.28
CA LEU B 48 -3.37 1.19 -24.51
C LEU B 48 -2.69 0.75 -25.80
N ARG B 49 -2.46 -0.55 -25.94
CA ARG B 49 -1.87 -1.10 -27.16
C ARG B 49 -2.69 -0.86 -28.41
N TYR B 50 -3.99 -1.05 -28.36
CA TYR B 50 -4.77 -1.01 -29.59
C TYR B 50 -5.79 0.12 -29.64
N ARG B 51 -5.43 1.29 -29.10
CA ARG B 51 -6.35 2.43 -29.10
C ARG B 51 -6.79 2.97 -30.45
N ARG B 52 -5.93 2.91 -31.46
CA ARG B 52 -6.39 3.26 -32.82
C ARG B 52 -7.50 2.30 -33.30
N ALA B 53 -7.33 1.02 -32.97
CA ALA B 53 -8.34 0.02 -33.28
C ALA B 53 -9.68 0.40 -32.69
N PHE B 54 -9.68 0.84 -31.43
CA PHE B 54 -10.92 1.31 -30.78
C PHE B 54 -11.45 2.61 -31.43
N SER B 55 -10.56 3.56 -31.67
CA SER B 55 -10.95 4.78 -32.40
C SER B 55 -11.75 4.47 -33.68
N ASP B 56 -11.26 3.54 -34.50
CA ASP B 56 -11.95 3.19 -35.74
C ASP B 56 -13.35 2.67 -35.43
N LEU B 57 -13.39 1.76 -34.47
CA LEU B 57 -14.56 0.95 -34.25
C LEU B 57 -15.73 1.77 -33.75
N THR B 58 -15.55 2.44 -32.61
CA THR B 58 -16.69 3.00 -31.89
C THR B 58 -17.19 4.32 -32.51
N SER B 59 -16.53 4.76 -33.58
CA SER B 59 -17.13 5.72 -34.48
C SER B 59 -18.05 4.97 -35.45
N GLN B 60 -17.46 4.15 -36.32
CA GLN B 60 -18.20 3.32 -37.28
C GLN B 60 -19.54 2.73 -36.79
N LEU B 61 -19.82 2.85 -35.50
CA LEU B 61 -21.01 2.21 -34.92
C LEU B 61 -22.27 3.10 -34.87
N HIS B 62 -22.12 4.34 -34.39
CA HIS B 62 -23.25 5.27 -34.27
C HIS B 62 -24.37 4.74 -33.35
N ILE B 63 -24.01 4.54 -32.08
CA ILE B 63 -24.93 3.96 -31.10
C ILE B 63 -26.12 4.85 -30.81
N THR B 64 -27.32 4.26 -30.79
CA THR B 64 -28.49 4.92 -30.21
C THR B 64 -29.30 3.88 -29.43
N PRO B 65 -30.18 4.33 -28.53
CA PRO B 65 -30.89 3.35 -27.73
C PRO B 65 -31.60 2.26 -28.55
N GLY B 66 -32.15 2.63 -29.71
CA GLY B 66 -32.85 1.65 -30.55
C GLY B 66 -31.94 0.76 -31.39
N THR B 67 -30.67 1.16 -31.56
CA THR B 67 -29.68 0.35 -32.28
C THR B 67 -28.52 -0.21 -31.41
N ALA B 68 -28.38 0.29 -30.18
CA ALA B 68 -27.30 -0.17 -29.32
C ALA B 68 -27.21 -1.69 -29.28
N TYR B 69 -28.34 -2.36 -29.12
CA TYR B 69 -28.29 -3.83 -29.01
C TYR B 69 -27.82 -4.54 -30.28
N GLN B 70 -28.24 -4.02 -31.43
CA GLN B 70 -27.94 -4.60 -32.72
C GLN B 70 -26.44 -4.46 -32.97
N SER B 71 -25.91 -3.29 -32.65
CA SER B 71 -24.49 -3.07 -32.73
C SER B 71 -23.72 -4.04 -31.81
N PHE B 72 -24.09 -4.10 -30.54
CA PHE B 72 -23.43 -5.03 -29.62
C PHE B 72 -23.38 -6.47 -30.16
N GLU B 73 -24.55 -6.99 -30.52
CA GLU B 73 -24.71 -8.35 -31.10
C GLU B 73 -23.84 -8.62 -32.33
N GLN B 74 -23.75 -7.64 -33.22
CA GLN B 74 -22.99 -7.81 -34.46
C GLN B 74 -21.50 -7.88 -34.16
N VAL B 75 -21.05 -6.99 -33.29
CA VAL B 75 -19.64 -6.99 -32.98
C VAL B 75 -19.26 -8.29 -32.24
N VAL B 76 -20.02 -8.60 -31.19
CA VAL B 76 -19.72 -9.72 -30.33
C VAL B 76 -19.76 -11.05 -31.07
N ASN B 77 -20.78 -11.24 -31.92
CA ASN B 77 -20.89 -12.45 -32.75
C ASN B 77 -19.69 -12.67 -33.66
N GLU B 78 -19.24 -11.61 -34.35
CA GLU B 78 -18.06 -11.76 -35.23
C GLU B 78 -16.76 -11.94 -34.40
N LEU B 79 -16.73 -11.39 -33.19
CA LEU B 79 -15.52 -11.53 -32.38
C LEU B 79 -15.26 -13.01 -32.06
N PHE B 80 -16.34 -13.78 -31.87
CA PHE B 80 -16.26 -15.14 -31.39
C PHE B 80 -16.68 -16.22 -32.40
N ARG B 81 -17.10 -15.80 -33.58
CA ARG B 81 -17.66 -16.74 -34.57
C ARG B 81 -16.73 -17.90 -34.83
N ASP B 82 -15.44 -17.65 -35.03
CA ASP B 82 -14.53 -18.77 -35.28
C ASP B 82 -13.68 -19.17 -34.11
N GLY B 83 -14.14 -18.84 -32.90
CA GLY B 83 -13.45 -19.35 -31.74
C GLY B 83 -13.32 -18.34 -30.63
N VAL B 84 -13.21 -18.87 -29.42
CA VAL B 84 -12.93 -18.07 -28.23
C VAL B 84 -11.47 -18.29 -27.85
N ASN B 85 -10.84 -17.22 -27.38
CA ASN B 85 -9.59 -17.43 -26.74
C ASN B 85 -9.45 -16.31 -25.74
N TRP B 86 -8.40 -16.32 -24.95
CA TRP B 86 -8.30 -15.41 -23.82
C TRP B 86 -8.19 -13.94 -24.28
N GLY B 87 -7.53 -13.69 -25.39
CA GLY B 87 -7.35 -12.34 -25.91
C GLY B 87 -8.66 -11.78 -26.43
N ARG B 88 -9.44 -12.62 -27.10
CA ARG B 88 -10.76 -12.20 -27.62
C ARG B 88 -11.74 -11.89 -26.50
N ILE B 89 -11.61 -12.65 -25.41
CA ILE B 89 -12.33 -12.41 -24.14
C ILE B 89 -11.99 -11.01 -23.57
N VAL B 90 -10.72 -10.68 -23.53
CA VAL B 90 -10.35 -9.34 -23.13
C VAL B 90 -10.91 -8.23 -24.02
N ALA B 91 -10.78 -8.42 -25.33
CA ALA B 91 -11.35 -7.51 -26.33
C ALA B 91 -12.87 -7.32 -26.13
N PHE B 92 -13.59 -8.40 -25.89
CA PHE B 92 -15.03 -8.32 -25.54
C PHE B 92 -15.32 -7.35 -24.38
N PHE B 93 -14.57 -7.51 -23.30
CA PHE B 93 -14.68 -6.64 -22.14
C PHE B 93 -14.35 -5.20 -22.46
N SER B 94 -13.20 -4.96 -23.07
CA SER B 94 -12.81 -3.61 -23.47
C SER B 94 -13.85 -3.01 -24.38
N PHE B 95 -14.39 -3.83 -25.27
CA PHE B 95 -15.41 -3.34 -26.17
C PHE B 95 -16.64 -2.90 -25.38
N GLY B 96 -17.09 -3.72 -24.43
CA GLY B 96 -18.27 -3.33 -23.66
C GLY B 96 -18.04 -2.08 -22.81
N GLY B 97 -16.85 -1.98 -22.21
CA GLY B 97 -16.46 -0.75 -21.50
C GLY B 97 -16.53 0.50 -22.35
N ALA B 98 -16.09 0.43 -23.61
CA ALA B 98 -16.07 1.62 -24.50
C ALA B 98 -17.49 2.00 -24.92
N LEU B 99 -18.29 0.97 -25.15
CA LEU B 99 -19.67 1.14 -25.44
C LEU B 99 -20.40 1.83 -24.28
N CYS B 100 -20.04 1.48 -23.04
CA CYS B 100 -20.67 2.16 -21.89
C CYS B 100 -20.19 3.60 -21.79
N VAL B 101 -18.87 3.80 -21.84
CA VAL B 101 -18.32 5.16 -21.85
C VAL B 101 -18.94 6.06 -22.92
N GLU B 102 -19.01 5.55 -24.15
CA GLU B 102 -19.66 6.27 -25.25
C GLU B 102 -21.14 6.58 -25.01
N SER B 103 -21.85 5.67 -24.38
CA SER B 103 -23.26 5.93 -24.09
C SER B 103 -23.38 7.10 -23.14
N VAL B 104 -22.49 7.16 -22.16
CA VAL B 104 -22.56 8.25 -21.20
C VAL B 104 -22.12 9.58 -21.80
N ASP B 105 -21.10 9.58 -22.64
CA ASP B 105 -20.74 10.79 -23.38
C ASP B 105 -21.96 11.36 -24.11
N LYS B 106 -22.71 10.49 -24.80
CA LYS B 106 -23.85 10.92 -25.65
C LYS B 106 -25.14 11.00 -24.85
N GLU B 107 -25.02 11.01 -23.53
CA GLU B 107 -26.17 11.17 -22.67
C GLU B 107 -27.24 10.10 -22.87
N MET B 108 -26.78 8.86 -23.04
CA MET B 108 -27.65 7.70 -23.08
C MET B 108 -27.19 6.79 -21.96
N GLN B 109 -27.08 7.34 -20.75
CA GLN B 109 -26.78 6.57 -19.54
C GLN B 109 -27.72 5.37 -19.36
N VAL B 110 -28.94 5.42 -19.88
CA VAL B 110 -29.84 4.27 -19.75
C VAL B 110 -29.26 2.97 -20.33
N LEU B 111 -28.36 3.11 -21.30
CA LEU B 111 -27.85 1.95 -21.98
C LEU B 111 -26.83 1.18 -21.15
N VAL B 112 -26.31 1.79 -20.08
CA VAL B 112 -25.17 1.22 -19.36
C VAL B 112 -25.58 -0.04 -18.63
N SER B 113 -26.68 0.00 -17.87
CA SER B 113 -27.16 -1.22 -17.19
C SER B 113 -27.65 -2.28 -18.15
N ARG B 114 -28.19 -1.87 -19.29
CA ARG B 114 -28.53 -2.81 -20.35
C ARG B 114 -27.33 -3.57 -20.94
N ILE B 115 -26.29 -2.83 -21.33
CA ILE B 115 -25.04 -3.37 -21.87
C ILE B 115 -24.45 -4.33 -20.84
N ALA B 116 -24.44 -3.94 -19.55
CA ALA B 116 -24.01 -4.87 -18.49
C ALA B 116 -24.78 -6.20 -18.52
N ALA B 117 -26.10 -6.12 -18.57
CA ALA B 117 -26.96 -7.31 -18.70
C ALA B 117 -26.60 -8.15 -19.94
N TRP B 118 -26.44 -7.51 -21.10
CA TRP B 118 -26.10 -8.28 -22.31
C TRP B 118 -24.72 -8.89 -22.22
N MET B 119 -23.78 -8.18 -21.62
CA MET B 119 -22.43 -8.76 -21.44
C MET B 119 -22.43 -9.91 -20.49
N ALA B 120 -23.14 -9.74 -19.37
CA ALA B 120 -23.24 -10.79 -18.36
C ALA B 120 -23.93 -12.07 -18.88
N THR B 121 -25.05 -11.89 -19.55
CA THR B 121 -25.68 -13.03 -20.22
C THR B 121 -24.75 -13.77 -21.21
N TYR B 122 -24.04 -13.01 -22.05
CA TYR B 122 -23.17 -13.60 -23.06
C TYR B 122 -21.99 -14.28 -22.36
N LEU B 123 -21.52 -13.70 -21.27
CA LEU B 123 -20.44 -14.36 -20.51
C LEU B 123 -20.98 -15.68 -19.95
N ASN B 124 -22.17 -15.62 -19.38
CA ASN B 124 -22.81 -16.78 -18.77
C ASN B 124 -23.06 -17.93 -19.77
N ASP B 125 -23.61 -17.61 -20.92
CA ASP B 125 -24.03 -18.63 -21.88
C ASP B 125 -22.95 -19.06 -22.89
N HIS B 126 -22.01 -18.17 -23.25
CA HIS B 126 -21.02 -18.50 -24.30
C HIS B 126 -19.59 -18.50 -23.84
N LEU B 127 -19.22 -17.52 -23.03
CA LEU B 127 -17.83 -17.39 -22.66
C LEU B 127 -17.37 -18.29 -21.50
N GLU B 128 -18.10 -18.28 -20.39
CA GLU B 128 -17.65 -19.15 -19.29
C GLU B 128 -17.72 -20.63 -19.66
N PRO B 129 -18.72 -21.08 -20.46
CA PRO B 129 -18.58 -22.51 -20.83
C PRO B 129 -17.24 -22.90 -21.52
N TRP B 130 -16.75 -22.07 -22.43
CA TRP B 130 -15.44 -22.28 -23.05
C TRP B 130 -14.32 -22.33 -21.97
N ILE B 131 -14.31 -21.31 -21.11
CA ILE B 131 -13.34 -21.17 -20.02
C ILE B 131 -13.31 -22.41 -19.13
N GLN B 132 -14.49 -22.91 -18.72
CA GLN B 132 -14.62 -24.14 -17.95
C GLN B 132 -13.92 -25.31 -18.65
N GLU B 133 -13.90 -25.29 -19.98
CA GLU B 133 -13.29 -26.40 -20.71
C GLU B 133 -11.84 -26.21 -21.04
N ASN B 134 -11.39 -24.98 -20.88
CA ASN B 134 -10.07 -24.59 -21.38
C ASN B 134 -9.16 -24.13 -20.27
N GLY B 135 -9.25 -24.75 -19.11
CA GLY B 135 -8.30 -24.41 -18.05
C GLY B 135 -8.87 -23.66 -16.86
N GLY B 136 -10.07 -23.08 -17.02
CA GLY B 136 -10.78 -22.49 -15.91
C GLY B 136 -10.35 -21.06 -15.66
N TRP B 137 -11.07 -20.37 -14.79
CA TRP B 137 -10.64 -19.05 -14.34
C TRP B 137 -9.21 -18.99 -13.77
N ASP B 138 -8.69 -20.09 -13.24
CA ASP B 138 -7.32 -20.06 -12.71
C ASP B 138 -6.27 -19.87 -13.77
N THR B 139 -6.58 -20.39 -14.95
CA THR B 139 -5.65 -20.30 -16.06
C THR B 139 -5.60 -18.87 -16.51
N PHE B 140 -6.77 -18.24 -16.53
CA PHE B 140 -6.81 -16.84 -16.89
C PHE B 140 -5.90 -16.05 -15.90
N VAL B 141 -6.09 -16.29 -14.61
CA VAL B 141 -5.28 -15.64 -13.59
C VAL B 141 -3.75 -15.88 -13.79
N GLU B 142 -3.32 -17.10 -14.05
CA GLU B 142 -1.90 -17.37 -14.22
C GLU B 142 -1.34 -16.73 -15.48
N LEU B 143 -2.21 -16.45 -16.43
CA LEU B 143 -1.79 -15.87 -17.71
C LEU B 143 -1.76 -14.36 -17.71
N TYR B 144 -2.70 -13.72 -17.03
CA TYR B 144 -2.86 -12.27 -17.12
C TYR B 144 -2.72 -11.56 -15.76
N GLY B 145 -2.70 -12.32 -14.67
CA GLY B 145 -2.50 -11.74 -13.36
C GLY B 145 -1.01 -11.69 -13.03
N ASN B 146 -0.68 -11.62 -11.75
CA ASN B 146 0.69 -11.89 -11.30
C ASN B 146 0.93 -11.41 -9.88
N SER C 7 31.09 23.50 21.96
CA SER C 7 29.65 23.73 21.56
C SER C 7 29.29 23.21 20.17
N GLN C 8 28.37 22.26 20.19
CA GLN C 8 27.89 21.60 19.00
C GLN C 8 26.93 22.53 18.15
N SER C 9 26.21 23.44 18.81
CA SER C 9 25.34 24.41 18.14
C SER C 9 26.11 25.43 17.27
N ASN C 10 27.21 25.97 17.79
CA ASN C 10 28.01 26.92 17.02
C ASN C 10 28.61 26.29 15.75
N ARG C 11 29.05 25.05 15.87
CA ARG C 11 29.56 24.30 14.74
C ARG C 11 28.47 24.09 13.66
N GLU C 12 27.24 23.84 14.11
CA GLU C 12 26.13 23.57 13.21
C GLU C 12 25.84 24.86 12.42
N LEU C 13 25.99 25.97 13.11
CA LEU C 13 25.73 27.28 12.54
C LEU C 13 26.82 27.65 11.49
N VAL C 14 28.08 27.36 11.81
CA VAL C 14 29.18 27.52 10.85
C VAL C 14 28.98 26.68 9.59
N VAL C 15 28.79 25.38 9.75
CA VAL C 15 28.60 24.49 8.59
C VAL C 15 27.43 24.93 7.72
N ASP C 16 26.37 25.40 8.34
CA ASP C 16 25.21 25.80 7.55
C ASP C 16 25.58 27.05 6.70
N PHE C 17 26.25 28.00 7.33
CA PHE C 17 26.55 29.25 6.68
C PHE C 17 27.54 28.99 5.52
N LEU C 18 28.61 28.27 5.81
CA LEU C 18 29.61 27.87 4.82
C LEU C 18 29.01 27.07 3.66
N SER C 19 28.18 26.06 3.95
CA SER C 19 27.48 25.29 2.92
C SER C 19 26.62 26.15 2.01
N TYR C 20 25.91 27.09 2.63
CA TYR C 20 25.07 28.02 1.91
C TYR C 20 25.89 28.91 0.95
N LYS C 21 26.93 29.58 1.46
CA LYS C 21 27.82 30.39 0.63
C LYS C 21 28.48 29.59 -0.50
N LEU C 22 28.87 28.36 -0.20
CA LEU C 22 29.39 27.47 -1.22
C LEU C 22 28.32 27.22 -2.28
N SER C 23 27.08 26.98 -1.88
CA SER C 23 26.06 26.58 -2.86
C SER C 23 25.69 27.77 -3.75
N GLN C 24 25.84 28.99 -3.24
CA GLN C 24 25.58 30.17 -4.02
C GLN C 24 26.51 30.28 -5.22
N LYS C 25 27.67 29.63 -5.14
CA LYS C 25 28.66 29.68 -6.22
C LYS C 25 28.58 28.41 -7.02
N GLY C 26 27.62 27.57 -6.68
CA GLY C 26 27.41 26.32 -7.39
C GLY C 26 28.20 25.16 -6.83
N TYR C 27 28.92 25.40 -5.73
CA TYR C 27 29.69 24.33 -5.15
C TYR C 27 28.83 23.69 -4.11
N SER C 28 29.20 22.51 -3.64
CA SER C 28 28.42 21.88 -2.60
C SER C 28 29.33 21.39 -1.46
N TRP C 29 28.80 21.41 -0.23
CA TRP C 29 29.54 20.93 0.93
C TRP C 29 29.88 19.43 0.83
N SER C 30 31.16 19.07 0.99
CA SER C 30 31.50 17.65 1.05
C SER C 30 32.62 17.36 2.05
N GLN C 31 32.31 16.68 3.15
CA GLN C 31 33.33 16.30 4.13
C GLN C 31 33.21 14.83 4.57
N MET C 32 34.30 14.04 4.61
CA MET C 32 34.42 12.64 4.98
C MET C 32 33.37 11.81 4.30
N ALA C 33 33.16 12.02 3.00
CA ALA C 33 32.10 11.31 2.29
C ALA C 33 32.22 9.79 2.41
N ALA C 34 33.45 9.29 2.48
CA ALA C 34 33.69 7.85 2.44
C ALA C 34 33.39 7.17 3.78
N VAL C 35 33.78 7.84 4.87
CA VAL C 35 33.46 7.42 6.24
C VAL C 35 31.94 7.44 6.49
N LYS C 36 31.30 8.54 6.11
CA LYS C 36 29.86 8.70 6.28
C LYS C 36 29.12 7.60 5.55
N GLN C 37 29.55 7.31 4.33
CA GLN C 37 28.82 6.39 3.51
C GLN C 37 29.02 5.00 4.07
N ALA C 38 30.25 4.70 4.48
CA ALA C 38 30.54 3.39 5.07
C ALA C 38 29.69 3.21 6.33
N LEU C 39 29.63 4.26 7.13
CA LEU C 39 28.92 4.23 8.40
C LEU C 39 27.40 4.06 8.18
N ARG C 40 26.86 4.75 7.20
CA ARG C 40 25.47 4.59 6.86
C ARG C 40 25.17 3.15 6.49
N GLU C 41 26.01 2.61 5.61
CA GLU C 41 25.88 1.22 5.19
C GLU C 41 25.95 0.24 6.35
N ALA C 42 26.89 0.45 7.25
CA ALA C 42 27.08 -0.47 8.38
C ALA C 42 25.89 -0.41 9.33
N GLY C 43 25.36 0.79 9.54
CA GLY C 43 24.19 0.96 10.39
C GLY C 43 23.00 0.27 9.77
N ASP C 44 22.78 0.49 8.46
CA ASP C 44 21.70 -0.19 7.72
C ASP C 44 21.75 -1.71 7.87
N GLU C 45 22.97 -2.27 7.86
CA GLU C 45 23.18 -3.71 7.84
C GLU C 45 23.08 -4.30 9.25
N PHE C 46 23.57 -3.56 10.22
CA PHE C 46 23.47 -3.94 11.61
C PHE C 46 21.98 -3.99 12.01
N GLU C 47 21.22 -2.99 11.59
CA GLU C 47 19.81 -2.87 11.90
C GLU C 47 18.97 -3.94 11.21
N LEU C 48 19.30 -4.23 9.96
CA LEU C 48 18.64 -5.31 9.22
C LEU C 48 18.97 -6.65 9.87
N ARG C 49 20.25 -7.02 9.89
CA ARG C 49 20.57 -8.36 10.35
C ARG C 49 20.34 -8.64 11.83
N TYR C 50 20.20 -7.60 12.66
CA TYR C 50 19.75 -7.82 14.05
C TYR C 50 18.42 -7.12 14.34
N ARG C 51 17.51 -7.21 13.37
CA ARG C 51 16.16 -6.62 13.49
C ARG C 51 15.50 -7.02 14.80
N ARG C 52 15.47 -8.33 15.05
CA ARG C 52 14.86 -8.90 16.24
C ARG C 52 15.53 -8.40 17.52
N ALA C 53 16.84 -8.56 17.63
CA ALA C 53 17.56 -8.09 18.83
C ALA C 53 17.39 -6.58 19.02
N PHE C 54 17.45 -5.85 17.90
CA PHE C 54 17.33 -4.40 17.90
C PHE C 54 15.95 -3.84 18.36
N SER C 55 14.85 -4.37 17.83
CA SER C 55 13.52 -3.90 18.30
C SER C 55 13.23 -4.34 19.74
N ASP C 56 13.87 -5.42 20.17
CA ASP C 56 13.86 -5.84 21.57
C ASP C 56 14.25 -4.71 22.51
N LEU C 57 15.33 -4.03 22.17
CA LEU C 57 15.82 -2.90 22.96
C LEU C 57 14.89 -1.74 22.70
N THR C 58 14.62 -1.51 21.42
CA THR C 58 13.77 -0.41 20.98
C THR C 58 12.45 -0.39 21.76
N SER C 59 11.78 -1.55 21.82
CA SER C 59 10.57 -1.78 22.62
C SER C 59 10.63 -1.28 24.07
N GLN C 60 11.74 -1.56 24.75
CA GLN C 60 11.86 -1.21 26.17
C GLN C 60 12.18 0.28 26.37
N LEU C 61 12.37 1.01 25.27
CA LEU C 61 12.60 2.46 25.34
C LEU C 61 11.38 3.18 25.88
N HIS C 62 11.56 3.96 26.94
CA HIS C 62 10.52 4.88 27.38
C HIS C 62 11.10 6.31 27.48
N ILE C 63 11.34 6.92 26.31
CA ILE C 63 11.95 8.24 26.19
C ILE C 63 11.05 9.34 26.72
N THR C 64 11.53 10.14 27.66
CA THR C 64 10.87 11.41 27.99
C THR C 64 11.97 12.44 28.01
N PRO C 65 11.64 13.74 27.82
CA PRO C 65 12.69 14.77 27.90
C PRO C 65 13.46 14.71 29.22
N GLY C 66 12.73 14.50 30.33
CA GLY C 66 13.35 14.40 31.65
C GLY C 66 14.20 13.17 31.89
N THR C 67 13.94 12.07 31.19
CA THR C 67 14.77 10.86 31.43
C THR C 67 15.65 10.44 30.27
N ALA C 68 15.65 11.25 29.21
CA ALA C 68 16.33 10.92 27.96
C ALA C 68 17.84 10.76 28.15
N TYR C 69 18.43 11.65 28.92
CA TYR C 69 19.88 11.59 29.12
C TYR C 69 20.26 10.30 29.87
N GLN C 70 19.58 10.03 30.98
CA GLN C 70 19.81 8.79 31.74
C GLN C 70 19.68 7.53 30.86
N SER C 71 18.70 7.47 29.98
CA SER C 71 18.59 6.28 29.11
C SER C 71 19.76 6.13 28.13
N PHE C 72 20.28 7.25 27.64
CA PHE C 72 21.38 7.23 26.67
C PHE C 72 22.61 6.72 27.38
N GLU C 73 22.94 7.39 28.47
CA GLU C 73 24.08 7.06 29.32
C GLU C 73 24.09 5.61 29.82
N GLN C 74 22.95 5.13 30.29
CA GLN C 74 22.87 3.76 30.83
C GLN C 74 23.18 2.73 29.75
N VAL C 75 22.71 2.95 28.54
CA VAL C 75 23.02 1.99 27.51
C VAL C 75 24.46 2.16 27.02
N VAL C 76 24.87 3.39 26.78
CA VAL C 76 26.18 3.62 26.20
C VAL C 76 27.29 3.07 27.11
N ASN C 77 27.15 3.29 28.41
CA ASN C 77 28.10 2.76 29.41
C ASN C 77 28.23 1.23 29.48
N GLU C 78 27.13 0.51 29.27
CA GLU C 78 27.20 -0.94 29.23
C GLU C 78 27.75 -1.43 27.89
N LEU C 79 27.51 -0.64 26.84
CA LEU C 79 28.04 -0.97 25.52
C LEU C 79 29.58 -0.98 25.40
N PHE C 80 30.22 -0.07 26.11
CA PHE C 80 31.68 0.01 26.07
C PHE C 80 32.33 -0.37 27.40
N ARG C 81 31.61 -1.15 28.21
CA ARG C 81 32.06 -1.53 29.57
C ARG C 81 33.44 -2.20 29.59
N ASP C 82 33.56 -3.32 28.89
CA ASP C 82 34.79 -4.08 28.89
C ASP C 82 35.57 -3.89 27.58
N GLY C 83 35.33 -2.76 26.92
CA GLY C 83 36.13 -2.33 25.76
C GLY C 83 35.40 -1.83 24.52
N VAL C 84 36.19 -1.26 23.61
CA VAL C 84 35.69 -0.68 22.36
C VAL C 84 36.08 -1.57 21.17
N ASN C 85 35.22 -1.62 20.17
CA ASN C 85 35.59 -2.17 18.88
C ASN C 85 34.67 -1.65 17.77
N TRP C 86 35.11 -1.73 16.53
CA TRP C 86 34.30 -1.23 15.42
C TRP C 86 32.84 -1.66 15.51
N GLY C 87 32.57 -2.87 15.99
CA GLY C 87 31.20 -3.40 15.91
C GLY C 87 30.30 -2.70 16.90
N ARG C 88 30.90 -2.34 18.04
CA ARG C 88 30.21 -1.69 19.13
C ARG C 88 29.98 -0.24 18.78
N ILE C 89 30.96 0.33 18.08
CA ILE C 89 30.84 1.70 17.64
C ILE C 89 29.68 1.82 16.65
N VAL C 90 29.56 0.86 15.75
CA VAL C 90 28.40 0.82 14.88
C VAL C 90 27.10 0.72 15.69
N ALA C 91 27.09 -0.17 16.70
CA ALA C 91 25.94 -0.32 17.59
C ALA C 91 25.57 0.99 18.27
N PHE C 92 26.58 1.76 18.66
CA PHE C 92 26.37 3.03 19.33
C PHE C 92 25.72 4.07 18.39
N PHE C 93 26.21 4.16 17.15
CA PHE C 93 25.56 4.99 16.15
C PHE C 93 24.10 4.54 15.92
N SER C 94 23.89 3.25 15.68
CA SER C 94 22.52 2.74 15.47
C SER C 94 21.59 3.00 16.67
N PHE C 95 22.09 2.80 17.87
CA PHE C 95 21.31 3.12 19.06
C PHE C 95 20.94 4.60 19.09
N GLY C 96 21.91 5.45 18.81
CA GLY C 96 21.68 6.88 18.82
C GLY C 96 20.63 7.31 17.82
N GLY C 97 20.72 6.73 16.63
CA GLY C 97 19.69 6.85 15.55
C GLY C 97 18.28 6.47 15.96
N ALA C 98 18.13 5.29 16.58
CA ALA C 98 16.84 4.78 17.04
C ALA C 98 16.21 5.74 18.06
N LEU C 99 17.04 6.27 18.94
CA LEU C 99 16.61 7.27 19.91
C LEU C 99 16.12 8.57 19.31
N CYS C 100 16.79 9.05 18.26
CA CYS C 100 16.33 10.25 17.54
C CYS C 100 14.96 9.99 16.85
N VAL C 101 14.86 8.90 16.11
CA VAL C 101 13.60 8.51 15.44
C VAL C 101 12.46 8.35 16.45
N GLU C 102 12.74 7.68 17.56
CA GLU C 102 11.75 7.56 18.67
C GLU C 102 11.32 8.95 19.22
N SER C 103 12.28 9.85 19.45
CA SER C 103 11.99 11.19 19.94
C SER C 103 11.07 11.94 19.00
N VAL C 104 11.32 11.87 17.70
CA VAL C 104 10.51 12.56 16.72
C VAL C 104 9.14 11.89 16.57
N ASP C 105 9.10 10.55 16.50
CA ASP C 105 7.82 9.80 16.60
C ASP C 105 6.91 10.30 17.72
N LYS C 106 7.52 10.60 18.87
CA LYS C 106 6.75 10.93 20.07
C LYS C 106 6.54 12.41 20.24
N GLU C 107 6.91 13.16 19.20
CA GLU C 107 6.74 14.63 19.22
C GLU C 107 7.65 15.26 20.28
N MET C 108 8.83 14.68 20.46
CA MET C 108 9.85 15.24 21.35
C MET C 108 11.08 15.65 20.49
N GLN C 109 10.87 16.41 19.42
CA GLN C 109 11.96 16.69 18.53
C GLN C 109 13.10 17.49 19.07
N VAL C 110 12.91 18.30 20.13
CA VAL C 110 14.05 19.01 20.75
C VAL C 110 15.11 18.05 21.23
N LEU C 111 14.73 16.80 21.50
CA LEU C 111 15.68 15.79 22.01
C LEU C 111 16.81 15.44 21.02
N VAL C 112 16.50 15.57 19.72
CA VAL C 112 17.41 15.17 18.63
C VAL C 112 18.78 15.90 18.66
N SER C 113 18.78 17.23 18.77
CA SER C 113 20.07 17.93 18.89
C SER C 113 20.78 17.71 20.20
N ARG C 114 20.04 17.39 21.25
CA ARG C 114 20.67 16.98 22.51
C ARG C 114 21.39 15.64 22.39
N ILE C 115 20.71 14.64 21.83
CA ILE C 115 21.33 13.34 21.55
C ILE C 115 22.54 13.42 20.63
N ALA C 116 22.46 14.24 19.58
CA ALA C 116 23.61 14.50 18.72
C ALA C 116 24.81 15.01 19.53
N ALA C 117 24.55 15.94 20.43
CA ALA C 117 25.59 16.55 21.23
C ALA C 117 26.16 15.51 22.20
N TRP C 118 25.29 14.70 22.81
CA TRP C 118 25.81 13.67 23.70
C TRP C 118 26.60 12.59 22.99
N MET C 119 26.22 12.23 21.77
CA MET C 119 27.00 11.31 20.96
C MET C 119 28.38 11.87 20.57
N ALA C 120 28.41 13.11 20.08
CA ALA C 120 29.65 13.77 19.68
C ALA C 120 30.61 13.97 20.87
N THR C 121 30.08 14.40 22.01
CA THR C 121 30.87 14.54 23.21
C THR C 121 31.46 13.19 23.61
N TYR C 122 30.65 12.12 23.57
CA TYR C 122 31.14 10.79 23.95
C TYR C 122 32.19 10.24 22.99
N LEU C 123 31.95 10.40 21.70
CA LEU C 123 32.95 10.04 20.68
C LEU C 123 34.31 10.73 20.97
N ASN C 124 34.25 12.04 21.12
CA ASN C 124 35.43 12.83 21.38
C ASN C 124 36.14 12.46 22.66
N ASP C 125 35.40 12.34 23.76
CA ASP C 125 36.01 12.12 25.07
C ASP C 125 36.39 10.68 25.39
N HIS C 126 35.76 9.69 24.75
CA HIS C 126 35.80 8.32 25.25
C HIS C 126 36.11 7.26 24.21
N LEU C 127 35.96 7.63 22.95
CA LEU C 127 36.08 6.69 21.86
C LEU C 127 37.25 7.06 20.98
N GLU C 128 37.57 8.35 20.94
CA GLU C 128 38.50 8.91 19.99
C GLU C 128 39.96 8.43 20.21
N PRO C 129 40.35 8.24 21.50
CA PRO C 129 41.65 7.64 21.82
C PRO C 129 41.80 6.23 21.27
N TRP C 130 40.78 5.40 21.37
CA TRP C 130 40.84 4.06 20.77
C TRP C 130 40.78 4.11 19.24
N ILE C 131 39.92 4.99 18.72
CA ILE C 131 39.78 5.18 17.28
C ILE C 131 41.14 5.52 16.66
N GLN C 132 41.87 6.40 17.31
CA GLN C 132 43.17 6.86 16.81
C GLN C 132 44.26 5.76 16.92
N GLU C 133 44.19 4.92 17.96
CA GLU C 133 45.13 3.81 18.13
C GLU C 133 44.80 2.64 17.19
N ASN C 134 43.58 2.59 16.68
CA ASN C 134 43.24 1.45 15.82
C ASN C 134 43.14 1.76 14.33
N GLY C 135 43.82 2.80 13.88
CA GLY C 135 43.82 3.14 12.45
C GLY C 135 42.93 4.30 12.00
N GLY C 136 42.26 4.99 12.92
CA GLY C 136 41.34 6.08 12.58
C GLY C 136 40.13 5.64 11.77
N TRP C 137 39.34 6.60 11.30
CA TRP C 137 38.11 6.30 10.54
C TRP C 137 38.40 5.70 9.15
N ASP C 138 39.53 6.07 8.56
CA ASP C 138 40.02 5.40 7.33
C ASP C 138 40.10 3.88 7.50
N THR C 139 40.54 3.41 8.66
CA THR C 139 40.61 1.95 8.88
C THR C 139 39.21 1.32 8.93
N PHE C 140 38.29 2.02 9.59
CA PHE C 140 36.90 1.62 9.58
C PHE C 140 36.38 1.49 8.13
N VAL C 141 36.71 2.48 7.28
CA VAL C 141 36.37 2.41 5.86
C VAL C 141 37.03 1.21 5.18
N GLU C 142 38.31 0.95 5.48
CA GLU C 142 38.97 -0.24 4.92
C GLU C 142 38.15 -1.50 5.27
N LEU C 143 37.77 -1.60 6.55
CA LEU C 143 36.97 -2.73 7.05
C LEU C 143 35.48 -2.78 6.59
N TYR C 144 34.81 -1.64 6.44
CA TYR C 144 33.36 -1.66 6.19
C TYR C 144 32.90 -1.07 4.88
N GLY C 145 33.74 -0.24 4.27
CA GLY C 145 33.40 0.39 3.01
C GLY C 145 33.00 -0.55 1.89
N ASN C 146 32.49 0.04 0.81
CA ASN C 146 31.93 -0.68 -0.35
C ASN C 146 30.70 -1.55 -0.11
N ASN C 147 29.85 -1.58 -1.14
CA ASN C 147 28.63 -2.38 -1.22
C ASN C 147 28.24 -2.49 -2.69
N ALA D 3 5.08 2.61 16.33
CA ALA D 3 4.59 2.64 14.95
C ALA D 3 3.04 2.86 14.92
N ARG D 5 1.28 6.08 17.75
CA ARG D 5 1.39 7.52 17.65
C ARG D 5 2.05 7.93 16.31
N LEU D 7 1.38 5.52 12.57
CA LEU D 7 0.13 5.25 11.83
C LEU D 7 -0.88 6.30 12.22
N LYS D 9 0.10 10.42 13.79
CA LYS D 9 0.47 11.63 13.07
C LYS D 9 0.65 11.39 11.59
N GLY D 11 -1.91 9.08 9.68
CA GLY D 11 -3.34 9.42 9.47
C GLY D 11 -3.63 10.92 9.49
N ASP D 12 -3.20 11.62 10.53
CA ASP D 12 -3.44 13.05 10.68
C ASP D 12 -2.86 13.86 9.55
N ALA D 13 -1.62 13.54 9.16
CA ALA D 13 -0.99 14.25 8.06
C ALA D 13 -1.79 14.07 6.77
N PHE D 14 -2.54 12.97 6.66
CA PHE D 14 -3.29 12.65 5.45
C PHE D 14 -4.72 13.14 5.45
N ASN D 15 -5.12 13.81 6.52
CA ASN D 15 -6.47 14.33 6.66
C ASN D 15 -6.77 15.55 5.80
N ARG D 16 -7.83 15.51 4.99
CA ARG D 16 -8.15 16.61 4.08
C ARG D 16 -9.43 17.31 4.51
N ALA E 3 -12.89 -2.65 -38.75
CA ALA E 3 -12.74 -2.33 -37.30
C ALA E 3 -12.99 -3.60 -36.45
N ARG E 5 -12.49 -7.96 -38.22
CA ARG E 5 -11.25 -8.74 -38.48
C ARG E 5 -10.07 -7.98 -37.92
N LEU E 7 -10.39 -5.60 -34.18
CA LEU E 7 -10.66 -6.01 -32.80
C LEU E 7 -10.28 -7.45 -32.69
N LYS E 9 -7.70 -9.49 -35.14
CA LYS E 9 -6.24 -9.57 -35.19
C LYS E 9 -5.62 -8.93 -33.95
N GLY E 11 -7.51 -8.92 -30.44
CA GLY E 11 -7.70 -10.13 -29.62
C GLY E 11 -6.67 -11.22 -29.84
N ASP E 12 -6.36 -11.53 -31.10
CA ASP E 12 -5.48 -12.66 -31.37
C ASP E 12 -4.02 -12.38 -31.04
N ALA E 13 -3.57 -11.13 -31.26
CA ALA E 13 -2.24 -10.67 -30.81
C ALA E 13 -2.11 -10.73 -29.27
N PHE E 14 -3.19 -10.33 -28.60
CA PHE E 14 -3.22 -10.26 -27.14
C PHE E 14 -3.36 -11.62 -26.44
N ASN E 15 -3.65 -12.67 -27.21
CA ASN E 15 -3.93 -13.98 -26.64
C ASN E 15 -2.70 -14.72 -26.12
N ARG E 16 -2.69 -15.04 -24.84
CA ARG E 16 -1.61 -15.76 -24.21
C ARG E 16 -1.96 -17.22 -24.09
N ALA F 3 18.48 -6.81 27.02
CA ALA F 3 18.46 -5.97 25.81
C ALA F 3 19.82 -5.31 25.65
N ARG F 5 23.83 -6.70 27.51
CA ARG F 5 24.69 -7.83 27.14
C ARG F 5 24.20 -8.45 25.83
N LEU F 7 22.38 -6.11 22.41
CA LEU F 7 23.00 -5.12 21.52
C LEU F 7 24.52 -5.27 21.54
N LYS F 9 26.68 -9.06 22.40
CA LYS F 9 26.81 -10.14 21.39
C LYS F 9 26.43 -9.63 20.00
N GLY F 11 27.11 -6.07 18.57
CA GLY F 11 28.37 -5.41 18.25
C GLY F 11 29.51 -6.36 17.90
N ASP F 12 29.79 -7.28 18.85
CA ASP F 12 30.88 -8.24 18.74
C ASP F 12 30.67 -9.24 17.63
N ALA F 13 29.42 -9.54 17.29
CA ALA F 13 29.16 -10.30 16.08
C ALA F 13 29.38 -9.43 14.83
N PHE F 14 29.25 -8.12 14.97
CA PHE F 14 29.34 -7.23 13.82
C PHE F 14 30.73 -6.63 13.64
N ASN F 15 31.59 -6.91 14.61
CA ASN F 15 32.98 -6.46 14.58
C ASN F 15 33.80 -7.08 13.45
N ARG F 16 34.68 -6.29 12.86
CA ARG F 16 35.44 -6.71 11.68
C ARG F 16 36.87 -6.27 11.80
#